data_3CSS
#
_entry.id   3CSS
#
_cell.length_a   69.999
_cell.length_b   89.381
_cell.length_c   100.521
_cell.angle_alpha   90.000
_cell.angle_beta   90.000
_cell.angle_gamma   90.000
#
_symmetry.space_group_name_H-M   'C 2 2 21'
#
loop_
_entity.id
_entity.type
_entity.pdbx_description
1 polymer 6-phosphogluconolactonase
2 non-polymer 'PHOSPHATE ION'
3 water water
#
_entity_poly.entity_id   1
_entity_poly.type   'polypeptide(L)'
_entity_poly.pdbx_seq_one_letter_code
;MTSFAPTVKICENLSQMSFAAREVILAAIDARVDKSVPVVLALSGGSTPKRLYEELHEKDLALLQQHAVQFILGDERLLS
EDDEQSNFSMATKALLRDVPSSDVISIDRRAALATSKDEKGGLDGAWAVAQDYEVKLLNCLPCKQINGTAKSVPVVDIVL
LGFGSDGHTASIFPDSVAATDEEHVVSVSFPSPTMSPKVWRVTLSKTVIQYAKHVVVLAAGKDKNWVVRGVLSESPTDPL
PVSRFLRDCRGSVTLLLDPGAGEGVCA
;
_entity_poly.pdbx_strand_id   A
#
loop_
_chem_comp.id
_chem_comp.type
_chem_comp.name
_chem_comp.formula
PO4 non-polymer 'PHOSPHATE ION' 'O4 P -3'
#
# COMPACT_ATOMS: atom_id res chain seq x y z
N PHE A 4 -16.55 -10.40 -7.39
CA PHE A 4 -15.67 -9.16 -7.36
C PHE A 4 -16.32 -8.00 -8.09
N ALA A 5 -16.54 -6.91 -7.37
CA ALA A 5 -17.23 -5.76 -7.94
C ALA A 5 -16.56 -4.47 -7.45
N PRO A 6 -15.42 -4.12 -8.06
CA PRO A 6 -14.71 -2.91 -7.61
C PRO A 6 -15.38 -1.66 -8.11
N THR A 7 -15.24 -0.59 -7.34
CA THR A 7 -15.55 0.73 -7.83
C THR A 7 -14.38 1.17 -8.74
N VAL A 8 -14.69 1.69 -9.91
CA VAL A 8 -13.65 2.23 -10.81
C VAL A 8 -14.00 3.66 -11.15
N LYS A 9 -13.07 4.57 -10.88
CA LYS A 9 -13.26 6.01 -11.16
C LYS A 9 -12.08 6.50 -12.00
N ILE A 10 -12.39 6.83 -13.24
CA ILE A 10 -11.39 7.37 -14.16
C ILE A 10 -11.39 8.85 -13.97
N CYS A 11 -10.26 9.35 -13.50
CA CYS A 11 -10.07 10.74 -13.18
C CYS A 11 -9.37 11.39 -14.38
N GLU A 12 -9.50 12.71 -14.51
CA GLU A 12 -8.85 13.45 -15.60
CA GLU A 12 -8.83 13.39 -15.62
C GLU A 12 -7.39 13.76 -15.28
N ASN A 13 -7.08 13.78 -13.99
CA ASN A 13 -5.76 14.21 -13.53
C ASN A 13 -5.54 13.80 -12.08
N LEU A 14 -4.33 14.04 -11.59
CA LEU A 14 -3.93 13.57 -10.27
C LEU A 14 -4.58 14.38 -9.14
N SER A 15 -4.97 15.62 -9.42
CA SER A 15 -5.75 16.41 -8.44
C SER A 15 -7.06 15.71 -8.09
N GLN A 16 -7.78 15.29 -9.12
CA GLN A 16 -9.04 14.59 -8.94
C GLN A 16 -8.81 13.24 -8.26
N MET A 17 -7.76 12.55 -8.65
CA MET A 17 -7.45 11.26 -8.04
CA MET A 17 -7.44 11.25 -8.04
C MET A 17 -7.20 11.42 -6.55
N SER A 18 -6.40 12.41 -6.20
CA SER A 18 -6.03 12.65 -4.80
C SER A 18 -7.25 13.04 -3.96
N PHE A 19 -8.12 13.88 -4.52
CA PHE A 19 -9.35 14.29 -3.83
C PHE A 19 -10.26 13.10 -3.59
N ALA A 20 -10.37 12.21 -4.58
CA ALA A 20 -11.20 11.00 -4.44
C ALA A 20 -10.71 10.05 -3.35
N ALA A 21 -9.39 9.89 -3.26
CA ALA A 21 -8.78 9.03 -2.22
C ALA A 21 -9.02 9.65 -0.85
N ARG A 22 -8.85 10.97 -0.78
CA ARG A 22 -9.09 11.68 0.48
C ARG A 22 -10.52 11.46 1.00
N GLU A 23 -11.49 11.53 0.10
CA GLU A 23 -12.90 11.32 0.47
C GLU A 23 -13.16 9.94 1.11
N VAL A 24 -12.53 8.91 0.57
CA VAL A 24 -12.63 7.56 1.13
C VAL A 24 -12.08 7.52 2.56
N ILE A 25 -10.91 8.11 2.76
CA ILE A 25 -10.30 8.18 4.10
C ILE A 25 -11.20 8.93 5.08
N LEU A 26 -11.68 10.11 4.68
CA LEU A 26 -12.54 10.90 5.58
C LEU A 26 -13.88 10.23 5.88
N ALA A 27 -14.42 9.49 4.92
CA ALA A 27 -15.65 8.72 5.09
C ALA A 27 -15.48 7.65 6.17
N ALA A 28 -14.35 6.94 6.11
CA ALA A 28 -14.03 5.89 7.09
C ALA A 28 -13.85 6.47 8.50
N ILE A 29 -13.22 7.65 8.59
CA ILE A 29 -13.03 8.34 9.87
C ILE A 29 -14.36 8.80 10.46
N ASP A 30 -15.21 9.42 9.63
CA ASP A 30 -16.51 9.90 10.08
C ASP A 30 -17.49 8.75 10.38
N ALA A 31 -17.31 7.62 9.71
CA ALA A 31 -18.21 6.47 9.89
C ALA A 31 -17.91 5.61 11.13
N ARG A 32 -16.83 5.92 11.86
CA ARG A 32 -16.52 5.16 13.08
C ARG A 32 -17.67 5.26 14.07
N VAL A 33 -18.09 4.12 14.62
CA VAL A 33 -19.05 4.11 15.72
C VAL A 33 -18.34 4.59 16.99
N ASP A 34 -17.21 3.96 17.32
CA ASP A 34 -16.38 4.32 18.46
C ASP A 34 -15.31 5.31 18.02
N LYS A 35 -15.51 6.58 18.39
CA LYS A 35 -14.62 7.67 17.99
CA LYS A 35 -14.62 7.66 17.99
C LYS A 35 -13.31 7.70 18.77
N SER A 36 -13.15 6.80 19.73
CA SER A 36 -11.93 6.70 20.53
C SER A 36 -10.92 5.67 20.00
N VAL A 37 -11.28 4.97 18.91
CA VAL A 37 -10.40 3.99 18.28
C VAL A 37 -10.07 4.48 16.88
N PRO A 38 -8.78 4.45 16.51
CA PRO A 38 -8.43 5.02 15.21
C PRO A 38 -8.79 4.15 14.01
N VAL A 39 -8.87 4.80 12.85
CA VAL A 39 -8.87 4.11 11.56
C VAL A 39 -7.41 3.69 11.28
N VAL A 40 -7.19 2.44 10.89
CA VAL A 40 -5.85 1.99 10.54
C VAL A 40 -5.67 2.20 9.04
N LEU A 41 -4.67 3.02 8.68
CA LEU A 41 -4.39 3.38 7.27
C LEU A 41 -3.00 2.88 6.91
N ALA A 42 -2.90 2.07 5.85
CA ALA A 42 -1.61 1.65 5.32
C ALA A 42 -1.27 2.53 4.13
N LEU A 43 -0.17 3.26 4.27
CA LEU A 43 0.30 4.20 3.28
C LEU A 43 1.00 3.50 2.15
N SER A 44 0.77 3.99 0.93
CA SER A 44 1.55 3.56 -0.23
C SER A 44 2.70 4.52 -0.48
N GLY A 45 3.60 4.09 -1.35
CA GLY A 45 4.78 4.85 -1.62
C GLY A 45 4.92 5.19 -3.08
N GLY A 46 6.18 5.27 -3.52
CA GLY A 46 6.44 5.82 -4.84
C GLY A 46 6.09 7.28 -4.74
N SER A 47 5.58 7.84 -5.85
CA SER A 47 5.32 9.29 -6.02
CA SER A 47 5.32 9.29 -5.99
C SER A 47 3.83 9.62 -6.20
N THR A 48 3.04 8.64 -6.59
CA THR A 48 1.61 8.88 -6.85
C THR A 48 0.82 9.45 -5.64
N PRO A 49 0.95 8.86 -4.44
CA PRO A 49 0.19 9.32 -3.24
C PRO A 49 0.78 10.55 -2.51
N LYS A 50 1.93 11.05 -2.96
CA LYS A 50 2.51 12.22 -2.33
C LYS A 50 1.51 13.38 -2.28
N ARG A 51 0.82 13.64 -3.37
CA ARG A 51 -0.10 14.76 -3.37
CA ARG A 51 -0.18 14.71 -3.48
C ARG A 51 -1.29 14.54 -2.43
N LEU A 52 -1.79 13.30 -2.33
CA LEU A 52 -2.81 12.98 -1.32
C LEU A 52 -2.34 13.33 0.08
N TYR A 53 -1.13 12.90 0.42
CA TYR A 53 -0.58 13.17 1.73
C TYR A 53 -0.46 14.68 2.02
N GLU A 54 -0.03 15.44 1.02
CA GLU A 54 0.07 16.89 1.14
C GLU A 54 -1.31 17.49 1.40
N GLU A 55 -2.31 16.99 0.69
CA GLU A 55 -3.68 17.48 0.86
CA GLU A 55 -3.68 17.47 0.85
C GLU A 55 -4.22 17.15 2.26
N LEU A 56 -4.00 15.93 2.73
CA LEU A 56 -4.35 15.59 4.12
C LEU A 56 -3.66 16.52 5.13
N HIS A 57 -2.39 16.83 4.87
CA HIS A 57 -1.65 17.73 5.75
C HIS A 57 -2.28 19.14 5.83
N GLU A 58 -2.71 19.65 4.69
CA GLU A 58 -3.28 20.98 4.60
C GLU A 58 -4.70 21.08 5.14
N LYS A 59 -5.50 20.03 4.94
CA LYS A 59 -6.93 20.10 5.19
C LYS A 59 -7.39 19.36 6.46
N ASP A 60 -6.71 18.28 6.83
CA ASP A 60 -7.24 17.36 7.84
C ASP A 60 -6.30 17.14 9.03
N LEU A 61 -5.34 18.05 9.20
CA LEU A 61 -4.29 17.84 10.19
C LEU A 61 -4.85 17.76 11.60
N ALA A 62 -5.91 18.53 11.86
CA ALA A 62 -6.57 18.54 13.17
C ALA A 62 -7.09 17.16 13.59
N LEU A 63 -7.77 16.48 12.68
CA LEU A 63 -8.27 15.13 12.94
CA LEU A 63 -8.27 15.13 12.92
C LEU A 63 -7.12 14.18 13.26
N LEU A 64 -6.00 14.33 12.55
CA LEU A 64 -4.84 13.45 12.74
C LEU A 64 -4.12 13.72 14.06
N GLN A 65 -4.01 14.99 14.43
CA GLN A 65 -3.41 15.34 15.73
C GLN A 65 -4.30 14.87 16.91
N GLN A 66 -5.57 14.61 16.63
CA GLN A 66 -6.50 14.00 17.59
C GLN A 66 -6.49 12.45 17.56
N HIS A 67 -5.53 11.88 16.83
CA HIS A 67 -5.30 10.44 16.78
C HIS A 67 -6.43 9.67 16.06
N ALA A 68 -7.06 10.30 15.07
CA ALA A 68 -8.12 9.63 14.30
C ALA A 68 -7.59 8.46 13.44
N VAL A 69 -6.31 8.52 13.07
CA VAL A 69 -5.69 7.54 12.17
C VAL A 69 -4.44 6.95 12.80
N GLN A 70 -4.32 5.63 12.70
CA GLN A 70 -3.08 4.93 12.99
C GLN A 70 -2.44 4.57 11.64
N PHE A 71 -1.24 5.12 11.41
CA PHE A 71 -0.53 5.00 10.14
C PHE A 71 0.51 3.87 10.19
N ILE A 72 0.52 3.08 9.13
CA ILE A 72 1.56 2.09 8.88
C ILE A 72 2.01 2.23 7.44
N LEU A 73 3.23 1.78 7.16
CA LEU A 73 3.71 1.72 5.78
C LEU A 73 3.33 0.35 5.22
N GLY A 74 2.56 0.34 4.13
CA GLY A 74 2.20 -0.90 3.47
C GLY A 74 3.35 -1.64 2.78
N ASP A 75 4.37 -0.91 2.39
CA ASP A 75 5.63 -1.48 1.94
C ASP A 75 6.71 -0.43 2.08
N GLU A 76 7.95 -0.89 2.06
CA GLU A 76 9.06 0.03 2.26
C GLU A 76 10.33 -0.46 1.59
N ARG A 77 11.06 0.50 1.05
CA ARG A 77 12.41 0.29 0.57
C ARG A 77 13.37 0.25 1.75
N LEU A 78 14.23 -0.77 1.82
CA LEU A 78 15.13 -0.93 2.97
C LEU A 78 16.35 -0.03 2.85
N LEU A 79 16.05 1.27 2.92
CA LEU A 79 17.03 2.34 2.97
C LEU A 79 16.83 3.07 4.30
N SER A 80 17.76 3.95 4.67
CA SER A 80 17.60 4.75 5.88
C SER A 80 16.31 5.60 5.81
N GLU A 81 15.73 5.90 6.97
CA GLU A 81 14.56 6.79 7.06
C GLU A 81 14.81 8.19 6.47
N ASP A 82 16.06 8.67 6.51
CA ASP A 82 16.37 9.97 5.90
C ASP A 82 16.78 9.88 4.41
N ASP A 83 16.80 8.67 3.86
CA ASP A 83 17.07 8.48 2.43
C ASP A 83 15.83 8.93 1.68
N GLU A 84 16.05 9.78 0.68
CA GLU A 84 14.94 10.41 -0.04
CA GLU A 84 14.95 10.41 -0.05
C GLU A 84 14.10 9.39 -0.83
N GLN A 85 14.69 8.24 -1.15
CA GLN A 85 13.96 7.18 -1.84
C GLN A 85 13.26 6.18 -0.90
N SER A 86 13.26 6.46 0.41
CA SER A 86 12.39 5.71 1.31
C SER A 86 10.97 6.28 1.28
N ASN A 87 9.99 5.41 1.45
CA ASN A 87 8.58 5.82 1.52
C ASN A 87 8.35 6.64 2.80
N PHE A 88 9.06 6.30 3.87
CA PHE A 88 8.97 7.03 5.11
C PHE A 88 9.37 8.50 4.94
N SER A 89 10.46 8.74 4.24
CA SER A 89 10.89 10.10 3.95
C SER A 89 9.80 10.86 3.21
N MET A 90 9.32 10.27 2.12
CA MET A 90 8.29 10.90 1.32
C MET A 90 7.05 11.22 2.16
N ALA A 91 6.58 10.25 2.94
CA ALA A 91 5.37 10.42 3.78
C ALA A 91 5.56 11.45 4.88
N THR A 92 6.77 11.49 5.44
CA THR A 92 7.12 12.43 6.51
C THR A 92 7.13 13.86 5.99
N LYS A 93 7.81 14.10 4.85
CA LYS A 93 7.87 15.43 4.26
C LYS A 93 6.48 15.93 3.89
N ALA A 94 5.67 15.03 3.35
CA ALA A 94 4.34 15.39 2.91
C ALA A 94 3.37 15.56 4.07
N LEU A 95 3.54 14.79 5.15
CA LEU A 95 2.47 14.69 6.15
C LEU A 95 2.90 14.33 7.57
N LEU A 96 3.67 13.25 7.73
CA LEU A 96 3.88 12.65 9.04
C LEU A 96 4.74 13.51 9.96
N ARG A 97 5.45 14.47 9.39
CA ARG A 97 6.21 15.42 10.20
C ARG A 97 5.34 16.09 11.27
N ASP A 98 4.05 16.27 10.99
CA ASP A 98 3.13 16.94 11.92
C ASP A 98 2.05 16.02 12.52
N VAL A 99 2.25 14.71 12.36
CA VAL A 99 1.40 13.69 12.97
C VAL A 99 2.11 13.17 14.22
N PRO A 100 1.38 12.98 15.33
CA PRO A 100 2.00 12.47 16.54
C PRO A 100 2.69 11.13 16.32
N SER A 101 3.90 10.98 16.86
CA SER A 101 4.71 9.77 16.67
C SER A 101 3.96 8.54 17.15
N SER A 102 3.18 8.72 18.21
CA SER A 102 2.36 7.63 18.79
C SER A 102 1.35 7.03 17.82
N ASP A 103 1.00 7.78 16.78
CA ASP A 103 0.02 7.33 15.78
C ASP A 103 0.66 6.70 14.56
N VAL A 104 1.98 6.57 14.55
CA VAL A 104 2.73 6.03 13.43
C VAL A 104 3.58 4.83 13.88
N ILE A 105 3.42 3.71 13.20
CA ILE A 105 4.21 2.52 13.45
C ILE A 105 5.46 2.54 12.58
N SER A 106 6.63 2.54 13.21
CA SER A 106 7.88 2.63 12.48
C SER A 106 8.41 1.25 12.08
N ILE A 107 9.16 1.23 10.98
CA ILE A 107 9.91 0.05 10.56
C ILE A 107 11.37 0.28 10.93
N ASP A 108 11.96 -0.72 11.61
CA ASP A 108 13.37 -0.71 11.95
C ASP A 108 14.17 -1.37 10.81
N ARG A 109 14.89 -0.57 10.03
CA ARG A 109 15.58 -1.09 8.83
C ARG A 109 17.01 -1.50 9.02
N ARG A 110 17.56 -1.22 10.20
CA ARG A 110 18.98 -1.39 10.51
CA ARG A 110 19.00 -1.32 10.36
C ARG A 110 19.57 -2.73 10.11
N ALA A 111 18.82 -3.79 10.40
CA ALA A 111 19.31 -5.15 10.13
C ALA A 111 19.57 -5.42 8.63
N ALA A 112 18.95 -4.62 7.76
CA ALA A 112 19.05 -4.78 6.30
C ALA A 112 20.02 -3.80 5.60
N LEU A 113 20.38 -2.70 6.25
CA LEU A 113 21.09 -1.62 5.55
C LEU A 113 22.46 -2.04 4.95
N ALA A 114 23.17 -2.94 5.63
CA ALA A 114 24.48 -3.40 5.12
C ALA A 114 24.38 -4.25 3.84
N THR A 115 23.20 -4.84 3.56
CA THR A 115 23.07 -5.78 2.43
C THR A 115 21.84 -5.55 1.50
N SER A 116 21.01 -4.54 1.80
CA SER A 116 19.72 -4.38 1.08
C SER A 116 19.85 -4.02 -0.40
N LYS A 117 21.03 -3.52 -0.81
CA LYS A 117 21.25 -3.23 -2.23
C LYS A 117 21.86 -4.41 -3.00
N ASP A 118 22.10 -5.51 -2.30
CA ASP A 118 22.65 -6.72 -2.92
C ASP A 118 21.48 -7.61 -3.29
N GLU A 119 21.24 -7.76 -4.59
CA GLU A 119 20.07 -8.47 -5.07
C GLU A 119 19.97 -9.88 -4.50
N LYS A 120 21.07 -10.62 -4.49
CA LYS A 120 21.06 -11.97 -3.92
C LYS A 120 21.26 -11.92 -2.40
N GLY A 121 22.33 -11.25 -1.97
CA GLY A 121 22.78 -11.30 -0.58
C GLY A 121 21.89 -10.62 0.46
N GLY A 122 20.92 -9.83 -0.02
CA GLY A 122 20.06 -9.04 0.87
C GLY A 122 18.91 -9.77 1.53
N LEU A 123 18.66 -11.01 1.13
CA LEU A 123 17.48 -11.74 1.57
C LEU A 123 17.37 -11.89 3.09
N ASP A 124 18.45 -12.29 3.76
CA ASP A 124 18.41 -12.58 5.20
C ASP A 124 18.13 -11.34 6.07
N GLY A 125 18.76 -10.24 5.67
CA GLY A 125 18.53 -8.93 6.28
C GLY A 125 17.11 -8.42 6.06
N ALA A 126 16.57 -8.61 4.86
CA ALA A 126 15.18 -8.25 4.57
C ALA A 126 14.21 -9.03 5.47
N TRP A 127 14.40 -10.33 5.60
CA TRP A 127 13.57 -11.13 6.52
C TRP A 127 13.67 -10.67 7.97
N ALA A 128 14.87 -10.31 8.40
CA ALA A 128 15.06 -9.82 9.76
C ALA A 128 14.19 -8.58 10.01
N VAL A 129 14.19 -7.64 9.06
CA VAL A 129 13.35 -6.44 9.14
C VAL A 129 11.85 -6.80 9.06
N ALA A 130 11.48 -7.67 8.14
CA ALA A 130 10.09 -8.14 8.01
C ALA A 130 9.54 -8.72 9.30
N GLN A 131 10.36 -9.56 9.95
CA GLN A 131 9.94 -10.26 11.16
C GLN A 131 9.72 -9.32 12.33
N ASP A 132 10.62 -8.35 12.49
CA ASP A 132 10.49 -7.34 13.54
C ASP A 132 9.25 -6.45 13.30
N TYR A 133 8.99 -6.13 12.04
CA TYR A 133 7.84 -5.30 11.69
C TYR A 133 6.53 -6.06 11.93
N GLU A 134 6.51 -7.34 11.55
CA GLU A 134 5.36 -8.20 11.81
C GLU A 134 5.00 -8.28 13.30
N VAL A 135 6.01 -8.49 14.14
CA VAL A 135 5.83 -8.49 15.59
C VAL A 135 5.18 -7.18 16.05
N LYS A 136 5.69 -6.06 15.53
CA LYS A 136 5.17 -4.75 15.88
C LYS A 136 3.71 -4.61 15.47
N LEU A 137 3.38 -5.04 14.24
CA LEU A 137 2.01 -4.94 13.73
C LEU A 137 1.06 -5.80 14.58
N LEU A 138 1.47 -7.01 14.90
CA LEU A 138 0.63 -7.94 15.64
C LEU A 138 0.40 -7.45 17.08
N ASN A 139 1.34 -6.64 17.58
CA ASN A 139 1.26 -6.07 18.94
C ASN A 139 0.47 -4.76 19.02
N CYS A 140 0.44 -3.99 17.94
CA CYS A 140 -0.07 -2.60 17.98
C CYS A 140 -1.37 -2.37 17.23
N LEU A 141 -1.71 -3.25 16.28
CA LEU A 141 -2.94 -3.16 15.51
C LEU A 141 -4.05 -4.11 16.00
N PRO A 142 -5.31 -3.81 15.66
CA PRO A 142 -6.39 -4.77 15.84
C PRO A 142 -6.13 -5.98 14.96
N CYS A 143 -6.20 -7.17 15.55
CA CYS A 143 -5.94 -8.41 14.83
C CYS A 143 -7.08 -9.39 15.02
N LYS A 144 -7.19 -10.31 14.07
CA LYS A 144 -8.10 -11.43 14.17
C LYS A 144 -7.40 -12.73 13.79
N GLN A 145 -7.88 -13.84 14.33
CA GLN A 145 -7.29 -15.14 14.03
C GLN A 145 -7.58 -15.49 12.59
N ILE A 146 -6.58 -16.06 11.91
CA ILE A 146 -6.75 -16.60 10.57
C ILE A 146 -7.29 -18.02 10.67
N ASN A 147 -8.46 -18.24 10.10
CA ASN A 147 -9.15 -19.51 10.21
C ASN A 147 -8.27 -20.66 9.70
N GLY A 148 -8.21 -21.72 10.49
CA GLY A 148 -7.47 -22.94 10.16
C GLY A 148 -6.03 -22.93 10.62
N THR A 149 -5.62 -21.88 11.31
CA THR A 149 -4.22 -21.70 11.71
C THR A 149 -4.14 -21.29 13.19
N ALA A 150 -2.91 -21.22 13.67
CA ALA A 150 -2.59 -20.67 14.99
C ALA A 150 -2.08 -19.23 14.88
N LYS A 151 -2.42 -18.55 13.80
CA LYS A 151 -1.83 -17.25 13.49
C LYS A 151 -2.92 -16.20 13.44
N SER A 152 -2.52 -14.94 13.57
CA SER A 152 -3.44 -13.82 13.40
C SER A 152 -2.97 -12.85 12.30
N VAL A 153 -3.91 -12.00 11.90
CA VAL A 153 -3.68 -11.00 10.86
C VAL A 153 -4.14 -9.65 11.39
N PRO A 154 -3.35 -8.59 11.18
CA PRO A 154 -3.85 -7.26 11.48
C PRO A 154 -4.95 -6.91 10.50
N VAL A 155 -6.01 -6.28 11.01
CA VAL A 155 -7.15 -5.87 10.20
C VAL A 155 -6.99 -4.39 9.92
N VAL A 156 -6.64 -4.09 8.67
CA VAL A 156 -6.43 -2.71 8.25
C VAL A 156 -7.73 -2.14 7.71
N ASP A 157 -8.08 -0.91 8.12
CA ASP A 157 -9.31 -0.27 7.60
C ASP A 157 -9.19 0.17 6.14
N ILE A 158 -8.09 0.83 5.82
CA ILE A 158 -7.83 1.30 4.47
C ILE A 158 -6.40 1.02 4.08
N VAL A 159 -6.22 0.24 3.01
CA VAL A 159 -4.92 0.03 2.38
C VAL A 159 -4.86 0.85 1.10
N LEU A 160 -3.94 1.80 1.05
CA LEU A 160 -3.67 2.52 -0.15
C LEU A 160 -2.64 1.74 -0.96
N LEU A 161 -2.82 1.68 -2.28
CA LEU A 161 -1.94 0.94 -3.16
C LEU A 161 -1.70 1.70 -4.45
N GLY A 162 -0.62 1.35 -5.13
CA GLY A 162 -0.41 1.72 -6.50
C GLY A 162 -0.20 0.51 -7.38
N PHE A 163 -0.05 0.75 -8.67
CA PHE A 163 0.34 -0.28 -9.62
C PHE A 163 1.63 0.12 -10.28
N GLY A 164 2.54 -0.82 -10.43
CA GLY A 164 3.66 -0.65 -11.33
C GLY A 164 3.32 -1.10 -12.73
N SER A 165 4.11 -0.61 -13.69
CA SER A 165 3.98 -1.08 -15.08
C SER A 165 4.30 -2.58 -15.25
N ASP A 166 4.96 -3.17 -14.26
CA ASP A 166 5.22 -4.61 -14.20
C ASP A 166 4.06 -5.42 -13.62
N GLY A 167 2.98 -4.75 -13.21
CA GLY A 167 1.83 -5.42 -12.61
C GLY A 167 1.88 -5.60 -11.10
N HIS A 168 2.97 -5.15 -10.46
CA HIS A 168 3.11 -5.28 -9.02
C HIS A 168 2.23 -4.24 -8.29
N THR A 169 1.98 -4.51 -7.01
CA THR A 169 1.41 -3.54 -6.10
C THR A 169 2.14 -3.74 -4.76
N ALA A 170 2.05 -2.75 -3.89
CA ALA A 170 2.86 -2.74 -2.65
C ALA A 170 4.31 -3.08 -3.04
N SER A 171 5.00 -3.98 -2.35
CA SER A 171 6.26 -4.56 -2.90
C SER A 171 6.08 -6.06 -3.16
N ILE A 172 4.90 -6.40 -3.68
CA ILE A 172 4.57 -7.76 -4.06
C ILE A 172 4.91 -7.85 -5.57
N PHE A 173 6.18 -8.17 -5.85
CA PHE A 173 6.71 -8.19 -7.21
C PHE A 173 6.55 -9.56 -7.86
N PRO A 174 6.45 -9.58 -9.20
CA PRO A 174 6.50 -10.86 -9.92
C PRO A 174 7.75 -11.66 -9.54
N ASP A 175 7.57 -12.96 -9.32
CA ASP A 175 8.65 -13.90 -9.03
C ASP A 175 9.52 -13.51 -7.81
N SER A 176 8.90 -12.83 -6.84
CA SER A 176 9.48 -12.59 -5.52
C SER A 176 8.88 -13.56 -4.49
N VAL A 177 9.54 -13.67 -3.33
CA VAL A 177 8.97 -14.40 -2.19
C VAL A 177 7.52 -13.94 -1.89
N ALA A 178 7.31 -12.62 -1.86
CA ALA A 178 6.01 -12.03 -1.51
C ALA A 178 4.91 -12.45 -2.46
N ALA A 179 5.24 -12.69 -3.72
CA ALA A 179 4.23 -13.04 -4.70
C ALA A 179 3.47 -14.32 -4.37
N THR A 180 4.10 -15.24 -3.64
CA THR A 180 3.47 -16.51 -3.26
C THR A 180 3.52 -16.75 -1.74
N ASP A 181 3.77 -15.70 -0.98
CA ASP A 181 3.87 -15.84 0.47
C ASP A 181 2.48 -15.79 1.06
N GLU A 182 1.98 -16.95 1.49
CA GLU A 182 0.68 -17.01 2.15
CA GLU A 182 0.69 -17.09 2.15
C GLU A 182 0.82 -17.37 3.65
N GLU A 183 2.02 -17.19 4.20
CA GLU A 183 2.35 -17.60 5.56
C GLU A 183 2.68 -16.46 6.52
N HIS A 184 3.06 -15.29 6.01
CA HIS A 184 3.51 -14.20 6.86
C HIS A 184 2.61 -12.97 6.75
N VAL A 185 2.62 -12.14 7.79
CA VAL A 185 1.99 -10.82 7.74
C VAL A 185 2.84 -9.84 6.91
N VAL A 186 4.16 -9.85 7.13
CA VAL A 186 5.09 -9.04 6.36
C VAL A 186 6.03 -9.97 5.61
N SER A 187 6.13 -9.77 4.30
CA SER A 187 6.99 -10.58 3.46
C SER A 187 8.08 -9.68 2.85
N VAL A 188 8.83 -10.25 1.91
CA VAL A 188 10.01 -9.60 1.36
C VAL A 188 10.07 -9.76 -0.17
N SER A 189 10.80 -8.86 -0.82
CA SER A 189 11.00 -8.94 -2.25
C SER A 189 12.12 -8.05 -2.69
N PHE A 190 12.64 -8.36 -3.87
CA PHE A 190 13.50 -7.45 -4.62
C PHE A 190 12.70 -7.02 -5.86
N PRO A 191 12.84 -5.75 -6.29
CA PRO A 191 12.09 -5.33 -7.45
C PRO A 191 12.35 -6.13 -8.71
N SER A 192 11.35 -6.13 -9.59
CA SER A 192 11.44 -6.77 -10.89
C SER A 192 12.39 -5.97 -11.78
N PRO A 193 12.80 -6.53 -12.94
CA PRO A 193 13.83 -5.86 -13.76
C PRO A 193 13.57 -4.41 -14.16
N THR A 194 12.33 -4.07 -14.46
CA THR A 194 11.99 -2.70 -14.88
C THR A 194 11.84 -1.68 -13.75
N MET A 195 11.80 -2.18 -12.51
CA MET A 195 11.39 -1.35 -11.37
C MET A 195 12.56 -0.90 -10.50
N SER A 196 12.43 0.32 -9.98
CA SER A 196 13.46 0.95 -9.15
C SER A 196 12.81 1.62 -7.94
N PRO A 197 13.60 1.88 -6.87
CA PRO A 197 15.02 1.65 -6.67
C PRO A 197 15.37 0.17 -6.48
N LYS A 198 16.60 -0.19 -6.87
CA LYS A 198 17.11 -1.55 -6.76
C LYS A 198 17.57 -1.83 -5.34
N VAL A 199 16.62 -2.07 -4.45
CA VAL A 199 16.88 -2.32 -3.04
C VAL A 199 15.83 -3.28 -2.55
N TRP A 200 16.23 -4.16 -1.62
CA TRP A 200 15.30 -5.08 -0.99
C TRP A 200 14.15 -4.33 -0.32
N ARG A 201 13.01 -5.03 -0.25
CA ARG A 201 11.76 -4.50 0.28
C ARG A 201 11.17 -5.37 1.38
N VAL A 202 10.37 -4.73 2.23
CA VAL A 202 9.38 -5.42 3.00
C VAL A 202 8.01 -4.96 2.53
N THR A 203 7.03 -5.84 2.66
CA THR A 203 5.68 -5.57 2.20
C THR A 203 4.66 -6.28 3.07
N LEU A 204 3.52 -5.63 3.30
CA LEU A 204 2.34 -6.35 3.72
C LEU A 204 2.09 -7.46 2.71
N SER A 205 1.64 -8.61 3.21
CA SER A 205 1.40 -9.76 2.36
C SER A 205 0.06 -9.67 1.66
N LYS A 206 -0.14 -10.50 0.65
CA LYS A 206 -1.44 -10.61 -0.01
C LYS A 206 -2.56 -10.81 1.01
N THR A 207 -2.32 -11.66 2.00
CA THR A 207 -3.30 -11.98 3.04
C THR A 207 -3.80 -10.74 3.77
N VAL A 208 -2.87 -9.91 4.21
CA VAL A 208 -3.24 -8.70 4.95
C VAL A 208 -4.12 -7.84 4.06
N ILE A 209 -3.69 -7.66 2.82
CA ILE A 209 -4.46 -6.84 1.86
C ILE A 209 -5.86 -7.41 1.63
N GLN A 210 -5.96 -8.73 1.56
CA GLN A 210 -7.22 -9.42 1.30
C GLN A 210 -8.18 -9.47 2.51
N TYR A 211 -7.67 -9.15 3.71
CA TYR A 211 -8.49 -9.03 4.90
C TYR A 211 -8.80 -7.56 5.28
N ALA A 212 -8.24 -6.60 4.55
CA ALA A 212 -8.49 -5.19 4.82
C ALA A 212 -9.94 -4.85 4.52
N LYS A 213 -10.49 -3.88 5.25
CA LYS A 213 -11.86 -3.42 5.02
C LYS A 213 -12.08 -2.70 3.70
N HIS A 214 -11.12 -1.86 3.32
CA HIS A 214 -11.16 -1.08 2.09
C HIS A 214 -9.75 -1.04 1.47
N VAL A 215 -9.70 -1.25 0.17
CA VAL A 215 -8.44 -1.16 -0.58
C VAL A 215 -8.65 -0.10 -1.65
N VAL A 216 -7.73 0.85 -1.75
CA VAL A 216 -7.85 1.96 -2.70
C VAL A 216 -6.55 2.03 -3.51
N VAL A 217 -6.66 1.77 -4.80
CA VAL A 217 -5.52 1.81 -5.71
C VAL A 217 -5.55 3.14 -6.45
N LEU A 218 -4.42 3.82 -6.49
CA LEU A 218 -4.23 5.01 -7.33
C LEU A 218 -3.20 4.67 -8.39
N ALA A 219 -3.57 4.79 -9.68
CA ALA A 219 -2.67 4.44 -10.80
C ALA A 219 -2.91 5.33 -12.00
N ALA A 220 -1.81 5.81 -12.56
CA ALA A 220 -1.86 6.70 -13.71
C ALA A 220 -0.80 6.27 -14.73
N GLY A 221 -1.16 6.34 -16.00
CA GLY A 221 -0.27 6.06 -17.13
C GLY A 221 -0.75 4.94 -18.03
N LYS A 222 -0.57 5.14 -19.34
CA LYS A 222 -0.91 4.11 -20.32
CA LYS A 222 -0.92 4.11 -20.31
CA LYS A 222 -0.93 4.10 -20.32
C LYS A 222 -0.18 2.80 -20.02
N ASP A 223 1.03 2.92 -19.47
CA ASP A 223 1.81 1.74 -19.18
C ASP A 223 1.25 0.87 -18.08
N LYS A 224 0.19 1.34 -17.40
CA LYS A 224 -0.53 0.52 -16.43
C LYS A 224 -1.81 -0.11 -16.95
N ASN A 225 -2.20 0.23 -18.18
CA ASN A 225 -3.49 -0.21 -18.70
C ASN A 225 -3.59 -1.73 -18.73
N TRP A 226 -2.53 -2.44 -19.11
CA TRP A 226 -2.60 -3.89 -19.17
C TRP A 226 -2.80 -4.48 -17.79
N VAL A 227 -2.26 -3.80 -16.79
CA VAL A 227 -2.41 -4.23 -15.41
C VAL A 227 -3.87 -4.10 -14.98
N VAL A 228 -4.42 -2.92 -15.22
CA VAL A 228 -5.83 -2.68 -14.88
C VAL A 228 -6.74 -3.70 -15.58
N ARG A 229 -6.56 -3.89 -16.88
N ARG A 229 -6.54 -3.86 -16.89
CA ARG A 229 -7.43 -4.82 -17.59
CA ARG A 229 -7.31 -4.83 -17.68
C ARG A 229 -7.23 -6.27 -17.14
C ARG A 229 -7.22 -6.23 -17.09
N GLY A 230 -6.00 -6.61 -16.73
CA GLY A 230 -5.68 -7.95 -16.24
C GLY A 230 -6.23 -8.23 -14.86
N VAL A 231 -6.38 -7.18 -14.06
CA VAL A 231 -7.04 -7.31 -12.75
C VAL A 231 -8.56 -7.43 -12.90
N LEU A 232 -9.12 -6.66 -13.84
CA LEU A 232 -10.57 -6.55 -13.98
C LEU A 232 -11.23 -7.65 -14.79
N SER A 233 -10.49 -8.34 -15.67
CA SER A 233 -11.11 -9.36 -16.51
C SER A 233 -11.73 -10.45 -15.66
N GLU A 234 -12.98 -10.81 -15.95
CA GLU A 234 -13.69 -11.85 -15.20
CA GLU A 234 -13.68 -11.84 -15.18
C GLU A 234 -12.95 -13.17 -15.28
N SER A 235 -12.58 -13.57 -16.49
CA SER A 235 -11.75 -14.76 -16.70
C SER A 235 -10.30 -14.31 -16.70
N PRO A 236 -9.41 -15.16 -16.17
CA PRO A 236 -8.01 -14.77 -16.29
C PRO A 236 -7.63 -14.51 -17.76
N THR A 237 -6.87 -13.44 -17.96
CA THR A 237 -6.35 -13.00 -19.24
C THR A 237 -4.85 -12.74 -19.16
N ASP A 238 -4.15 -13.08 -20.24
CA ASP A 238 -2.73 -12.74 -20.38
C ASP A 238 -2.56 -11.47 -21.22
N PRO A 239 -1.53 -10.67 -20.90
CA PRO A 239 -0.56 -10.82 -19.79
C PRO A 239 -1.24 -10.60 -18.44
N LEU A 240 -0.92 -11.47 -17.48
CA LEU A 240 -1.65 -11.54 -16.21
C LEU A 240 -0.80 -10.92 -15.09
N PRO A 241 -1.28 -9.81 -14.50
CA PRO A 241 -0.48 -9.11 -13.48
C PRO A 241 -0.54 -9.80 -12.13
N VAL A 242 0.56 -9.75 -11.37
CA VAL A 242 0.58 -10.35 -10.06
C VAL A 242 -0.54 -9.72 -9.17
N SER A 243 -0.89 -8.46 -9.46
CA SER A 243 -1.92 -7.76 -8.69
CA SER A 243 -1.94 -7.73 -8.73
C SER A 243 -3.37 -8.27 -8.90
N ARG A 244 -3.57 -9.25 -9.80
CA ARG A 244 -4.85 -9.93 -9.91
C ARG A 244 -5.30 -10.57 -8.58
N PHE A 245 -4.39 -10.78 -7.62
CA PHE A 245 -4.82 -11.27 -6.29
C PHE A 245 -5.84 -10.35 -5.62
N LEU A 246 -5.89 -9.08 -6.03
CA LEU A 246 -6.90 -8.14 -5.50
C LEU A 246 -8.36 -8.58 -5.71
N ARG A 247 -8.58 -9.43 -6.72
CA ARG A 247 -9.91 -9.97 -6.99
C ARG A 247 -10.45 -10.77 -5.80
N ASP A 248 -9.56 -11.27 -4.96
CA ASP A 248 -9.91 -12.09 -3.81
C ASP A 248 -9.94 -11.33 -2.48
N CYS A 249 -9.92 -10.00 -2.56
CA CYS A 249 -10.08 -9.16 -1.39
C CYS A 249 -11.46 -9.36 -0.80
N ARG A 250 -11.48 -9.48 0.50
CA ARG A 250 -12.76 -9.60 1.25
C ARG A 250 -13.39 -8.22 1.50
N GLY A 251 -12.57 -7.18 1.45
CA GLY A 251 -13.04 -5.81 1.61
C GLY A 251 -13.46 -5.19 0.30
N SER A 252 -13.80 -3.91 0.35
CA SER A 252 -14.14 -3.19 -0.86
C SER A 252 -12.84 -2.89 -1.60
N VAL A 253 -12.93 -2.77 -2.91
CA VAL A 253 -11.79 -2.37 -3.72
C VAL A 253 -12.25 -1.22 -4.63
N THR A 254 -11.44 -0.16 -4.61
CA THR A 254 -11.64 1.00 -5.48
C THR A 254 -10.37 1.26 -6.30
N LEU A 255 -10.54 1.41 -7.61
CA LEU A 255 -9.46 1.77 -8.53
C LEU A 255 -9.67 3.23 -8.99
N LEU A 256 -8.74 4.11 -8.61
CA LEU A 256 -8.70 5.50 -9.04
C LEU A 256 -7.64 5.63 -10.11
N LEU A 257 -8.08 5.89 -11.35
CA LEU A 257 -7.23 5.74 -12.52
C LEU A 257 -7.28 7.03 -13.32
N ASP A 258 -6.22 7.28 -14.10
CA ASP A 258 -6.24 8.38 -15.04
C ASP A 258 -6.67 7.80 -16.40
N PRO A 259 -6.84 8.66 -17.42
CA PRO A 259 -7.43 8.15 -18.65
C PRO A 259 -6.59 7.05 -19.34
N GLY A 260 -5.27 7.19 -19.33
CA GLY A 260 -4.39 6.17 -19.95
C GLY A 260 -4.48 4.82 -19.24
N ALA A 261 -4.41 4.85 -17.91
CA ALA A 261 -4.52 3.62 -17.08
C ALA A 261 -5.89 2.96 -17.21
N GLY A 262 -6.94 3.78 -17.36
CA GLY A 262 -8.30 3.28 -17.46
C GLY A 262 -8.84 3.07 -18.87
N GLU A 263 -7.99 3.17 -19.90
CA GLU A 263 -8.45 3.08 -21.29
C GLU A 263 -9.24 1.79 -21.54
N GLY A 264 -10.44 1.93 -22.11
CA GLY A 264 -11.26 0.77 -22.46
C GLY A 264 -12.13 0.17 -21.36
N VAL A 265 -11.93 0.59 -20.11
CA VAL A 265 -12.69 -0.03 -19.01
C VAL A 265 -14.14 0.43 -18.94
N CYS A 266 -14.37 1.73 -18.97
CA CYS A 266 -15.68 2.25 -18.70
C CYS A 266 -16.46 2.51 -19.97
N ALA A 267 -17.79 2.53 -19.82
CA ALA A 267 -18.66 2.74 -20.96
C ALA A 267 -18.46 4.18 -21.40
P PO4 B . 4.59 19.07 -4.70
O1 PO4 B . 5.44 20.24 -4.24
O2 PO4 B . 3.19 19.35 -4.25
O3 PO4 B . 5.07 17.81 -3.99
O4 PO4 B . 4.64 18.84 -6.18
#